data_8PUX
#
_entry.id   8PUX
#
_cell.length_a   122.306
_cell.length_b   61.613
_cell.length_c   79.704
_cell.angle_alpha   90.00
_cell.angle_beta   117.55
_cell.angle_gamma   90.00
#
_symmetry.space_group_name_H-M   'C 1 2 1'
#
loop_
_entity.id
_entity.type
_entity.pdbx_description
1 polymer 'Transcriptional enhancer factor TEF-4'
2 non-polymer 'MYRISTIC ACID'
3 non-polymer ~{N}-[2-[(3-pentoxyphenyl)amino]phenyl]propanamide
4 water water
#
_entity_poly.entity_id   1
_entity_poly.type   'polypeptide(L)'
_entity_poly.pdbx_seq_one_letter_code
;MAWQARGLGTARLQLVEFSAFVEPPDAVDSYQRHLFVHISQHCPSPGAPPLESVDVRQIYDKFPEKKGGLRELYDRGPPH
AFFLVKFWADLNWGPSGEEAGAGGSISSGGFYGVSSQYESLEHMTLTCSSKVCSFGKQVVEKVETERAQLEDGRFVYRLL
RSPMCEYLVNFLHKLRQLPERYMMNSVLENFTILQVVTNRDTQELLLCTAYVFEVSTSERGAQHHIYRLVRDVEHHHHHH
;
_entity_poly.pdbx_strand_id   B,A
#
# COMPACT_ATOMS: atom_id res chain seq x y z
N TRP A 3 -27.78 7.18 17.80
CA TRP A 3 -26.50 6.40 17.97
C TRP A 3 -25.95 5.89 16.63
N GLN A 4 -26.80 5.88 15.58
CA GLN A 4 -26.52 5.34 14.23
C GLN A 4 -26.03 6.48 13.33
N ALA A 5 -25.14 6.15 12.40
CA ALA A 5 -24.40 7.12 11.55
C ALA A 5 -25.35 7.83 10.58
N ARG A 6 -25.06 9.10 10.33
CA ARG A 6 -25.81 9.98 9.39
C ARG A 6 -24.95 10.26 8.15
N GLY A 7 -23.63 10.12 8.26
CA GLY A 7 -22.69 10.21 7.13
C GLY A 7 -21.60 9.16 7.26
N LEU A 8 -20.60 9.23 6.38
CA LEU A 8 -19.49 8.25 6.37
C LEU A 8 -18.46 8.70 7.40
N GLY A 9 -18.56 8.14 8.60
CA GLY A 9 -17.65 8.48 9.70
C GLY A 9 -18.14 7.88 11.00
N THR A 10 -17.28 7.88 12.00
CA THR A 10 -17.64 7.61 13.41
C THR A 10 -17.25 8.85 14.21
N ALA A 11 -17.44 8.82 15.51
CA ALA A 11 -17.13 9.93 16.42
C ALA A 11 -15.62 10.06 16.50
N ARG A 12 -14.87 9.03 16.12
CA ARG A 12 -13.38 9.05 16.16
C ARG A 12 -12.78 9.54 14.84
N LEU A 13 -13.48 9.39 13.73
CA LEU A 13 -12.93 9.74 12.40
C LEU A 13 -14.06 9.88 11.40
N GLN A 14 -14.18 11.09 10.86
CA GLN A 14 -15.18 11.46 9.85
C GLN A 14 -14.44 11.63 8.53
N LEU A 15 -15.00 11.10 7.44
CA LEU A 15 -14.54 11.47 6.08
C LEU A 15 -15.05 12.88 5.84
N VAL A 16 -14.16 13.76 5.42
CA VAL A 16 -14.50 15.16 5.05
C VAL A 16 -14.78 15.18 3.54
N GLU A 17 -13.81 14.70 2.77
CA GLU A 17 -13.90 14.75 1.30
C GLU A 17 -13.06 13.63 0.68
N PHE A 18 -13.61 13.01 -0.35
CA PHE A 18 -12.96 11.94 -1.15
C PHE A 18 -13.27 12.20 -2.62
N SER A 19 -12.26 12.11 -3.47
CA SER A 19 -12.47 12.26 -4.92
C SER A 19 -11.38 11.49 -5.69
N ALA A 20 -11.74 11.04 -6.88
CA ALA A 20 -10.82 10.45 -7.86
C ALA A 20 -11.04 11.26 -9.14
N PHE A 21 -9.95 11.71 -9.78
CA PHE A 21 -10.08 12.72 -10.84
C PHE A 21 -8.96 12.56 -11.85
N VAL A 22 -9.15 13.26 -12.94
CA VAL A 22 -8.09 13.45 -13.98
C VAL A 22 -8.08 14.92 -14.36
N GLU A 23 -6.89 15.48 -14.39
CA GLU A 23 -6.63 16.85 -14.89
C GLU A 23 -6.06 16.66 -16.28
N PRO A 24 -6.69 17.16 -17.36
CA PRO A 24 -6.11 17.03 -18.70
C PRO A 24 -4.77 17.77 -18.80
N PRO A 25 -3.88 17.40 -19.75
CA PRO A 25 -2.59 18.08 -19.89
C PRO A 25 -2.72 19.61 -20.05
N ASP A 26 -3.79 20.08 -20.69
CA ASP A 26 -4.06 21.53 -20.91
C ASP A 26 -4.57 22.19 -19.61
N ALA A 27 -4.64 21.45 -18.49
CA ALA A 27 -5.08 22.03 -17.19
C ALA A 27 -4.11 23.14 -16.77
N VAL A 28 -2.84 23.03 -17.19
CA VAL A 28 -1.78 24.08 -17.03
C VAL A 28 -2.22 25.39 -17.70
N ASP A 29 -2.93 25.36 -18.82
CA ASP A 29 -3.35 26.58 -19.56
C ASP A 29 -4.66 27.10 -18.95
N SER A 30 -5.70 26.29 -18.96
CA SER A 30 -7.00 26.56 -18.29
C SER A 30 -7.34 25.39 -17.35
N TYR A 31 -7.23 25.59 -16.04
CA TYR A 31 -7.42 24.50 -15.05
C TYR A 31 -8.82 23.91 -15.22
N GLN A 32 -8.88 22.59 -15.29
CA GLN A 32 -10.13 21.80 -15.17
C GLN A 32 -9.74 20.44 -14.58
N ARG A 33 -10.70 19.80 -13.94
CA ARG A 33 -10.57 18.40 -13.48
C ARG A 33 -11.91 17.71 -13.72
N HIS A 34 -11.83 16.46 -14.14
CA HIS A 34 -12.98 15.54 -14.26
C HIS A 34 -12.97 14.65 -13.02
N LEU A 35 -14.09 14.63 -12.33
CA LEU A 35 -14.34 13.76 -11.15
C LEU A 35 -14.96 12.46 -11.65
N PHE A 36 -14.29 11.34 -11.43
CA PHE A 36 -14.86 9.99 -11.67
C PHE A 36 -15.87 9.73 -10.57
N VAL A 37 -15.48 9.99 -9.33
CA VAL A 37 -16.36 9.80 -8.14
C VAL A 37 -16.02 10.89 -7.15
N HIS A 38 -16.94 11.23 -6.25
CA HIS A 38 -16.76 12.38 -5.34
C HIS A 38 -17.69 12.23 -4.15
N ILE A 39 -17.16 12.25 -2.94
CA ILE A 39 -17.97 12.41 -1.69
C ILE A 39 -17.47 13.70 -1.04
N SER A 40 -18.39 14.61 -0.77
CA SER A 40 -18.11 15.78 0.08
C SER A 40 -19.04 15.76 1.31
N GLN A 41 -18.47 15.75 2.52
CA GLN A 41 -19.25 15.86 3.77
C GLN A 41 -18.80 17.10 4.53
N HIS A 42 -18.69 18.24 3.84
CA HIS A 42 -18.40 19.57 4.44
C HIS A 42 -19.65 20.10 5.18
N GLY A 47 -28.54 18.18 9.41
CA GLY A 47 -29.74 17.74 10.14
C GLY A 47 -30.41 16.58 9.43
N ALA A 48 -29.63 15.55 9.07
CA ALA A 48 -29.97 14.44 8.14
C ALA A 48 -30.47 13.24 8.92
N PRO A 49 -31.14 12.27 8.25
CA PRO A 49 -31.63 11.06 8.92
C PRO A 49 -30.54 10.02 9.05
N PRO A 50 -30.83 8.81 9.61
CA PRO A 50 -29.88 7.70 9.57
C PRO A 50 -29.65 7.27 8.12
N LEU A 51 -28.45 6.78 7.82
CA LEU A 51 -28.18 6.12 6.53
C LEU A 51 -28.92 4.79 6.56
N GLU A 52 -29.32 4.29 5.39
CA GLU A 52 -29.91 2.94 5.25
C GLU A 52 -28.82 1.93 5.57
N SER A 53 -29.22 0.69 5.80
CA SER A 53 -28.31 -0.42 6.15
C SER A 53 -28.36 -1.47 5.04
N VAL A 54 -27.25 -2.18 4.90
CA VAL A 54 -27.08 -3.34 3.98
C VAL A 54 -26.37 -4.40 4.80
N ASP A 55 -26.87 -5.64 4.78
CA ASP A 55 -26.28 -6.74 5.55
C ASP A 55 -24.96 -7.11 4.89
N VAL A 56 -23.87 -7.11 5.67
CA VAL A 56 -22.48 -7.30 5.18
C VAL A 56 -22.34 -8.68 4.55
N ARG A 57 -23.17 -9.64 4.93
CA ARG A 57 -23.03 -11.05 4.45
C ARG A 57 -23.22 -11.07 2.92
N GLN A 58 -24.16 -10.26 2.42
CA GLN A 58 -24.51 -10.16 0.98
C GLN A 58 -23.36 -9.62 0.09
N ILE A 59 -22.26 -9.09 0.64
CA ILE A 59 -21.14 -8.55 -0.19
C ILE A 59 -19.82 -9.22 0.17
N TYR A 60 -19.81 -10.21 1.06
CA TYR A 60 -18.58 -10.94 1.46
C TYR A 60 -17.82 -11.41 0.20
N ASP A 61 -18.58 -11.94 -0.76
CA ASP A 61 -18.04 -12.66 -1.94
C ASP A 61 -17.51 -11.65 -2.97
N LYS A 62 -17.48 -10.36 -2.65
CA LYS A 62 -17.02 -9.29 -3.58
C LYS A 62 -15.67 -8.77 -3.10
N PHE A 63 -15.13 -9.31 -2.01
CA PHE A 63 -13.82 -8.89 -1.44
C PHE A 63 -13.06 -10.14 -1.00
N PRO A 64 -11.74 -10.04 -0.76
CA PRO A 64 -10.92 -11.23 -0.47
C PRO A 64 -11.27 -11.86 0.88
N GLU A 65 -10.67 -13.03 1.18
CA GLU A 65 -10.96 -13.85 2.40
C GLU A 65 -9.64 -14.15 3.13
N LYS A 66 -9.66 -15.08 4.09
CA LYS A 66 -8.43 -15.59 4.77
C LYS A 66 -7.89 -14.56 5.76
N LYS A 67 -7.89 -13.26 5.42
CA LYS A 67 -7.27 -12.18 6.25
C LYS A 67 -7.37 -10.84 5.49
N GLY A 68 -7.61 -9.74 6.21
CA GLY A 68 -7.95 -8.43 5.61
C GLY A 68 -9.13 -8.55 4.66
N GLY A 69 -9.91 -9.64 4.82
CA GLY A 69 -11.20 -9.86 4.14
C GLY A 69 -12.34 -9.33 5.01
N LEU A 70 -13.51 -9.06 4.41
CA LEU A 70 -14.64 -8.37 5.09
C LEU A 70 -15.03 -9.11 6.37
N ARG A 71 -15.21 -10.43 6.27
CA ARG A 71 -15.80 -11.20 7.41
C ARG A 71 -14.84 -11.09 8.59
N GLU A 72 -13.53 -11.25 8.35
CA GLU A 72 -12.54 -11.23 9.45
C GLU A 72 -12.45 -9.81 10.02
N LEU A 73 -12.42 -8.78 9.16
CA LEU A 73 -12.43 -7.36 9.59
C LEU A 73 -13.69 -7.07 10.42
N TYR A 74 -14.87 -7.45 9.93
CA TYR A 74 -16.16 -7.21 10.62
C TYR A 74 -16.14 -7.91 11.97
N ASP A 75 -15.68 -9.17 12.02
CA ASP A 75 -15.48 -9.96 13.28
C ASP A 75 -14.56 -9.19 14.22
N ARG A 76 -13.50 -8.57 13.70
CA ARG A 76 -12.54 -7.73 14.47
C ARG A 76 -13.25 -6.49 15.03
N GLY A 77 -14.08 -5.83 14.21
CA GLY A 77 -14.90 -4.69 14.63
C GLY A 77 -14.07 -3.41 14.71
N PRO A 78 -14.64 -2.28 15.15
CA PRO A 78 -16.00 -2.24 15.69
C PRO A 78 -17.05 -2.17 14.59
N PRO A 79 -18.21 -2.81 14.80
CA PRO A 79 -19.24 -2.90 13.76
C PRO A 79 -19.69 -1.56 13.19
N HIS A 80 -19.74 -0.50 14.02
CA HIS A 80 -20.27 0.82 13.59
C HIS A 80 -19.32 1.50 12.58
N ALA A 81 -18.09 1.00 12.40
CA ALA A 81 -17.06 1.62 11.56
C ALA A 81 -17.19 1.19 10.08
N PHE A 82 -18.14 0.32 9.75
CA PHE A 82 -18.21 -0.31 8.42
C PHE A 82 -19.31 0.34 7.57
N PHE A 83 -18.93 0.73 6.35
CA PHE A 83 -19.80 1.43 5.39
C PHE A 83 -19.69 0.78 4.02
N LEU A 84 -20.77 0.90 3.26
CA LEU A 84 -20.85 0.55 1.84
C LEU A 84 -21.17 1.83 1.08
N VAL A 85 -20.37 2.11 0.07
CA VAL A 85 -20.58 3.23 -0.87
C VAL A 85 -20.84 2.64 -2.24
N LYS A 86 -21.98 2.99 -2.82
CA LYS A 86 -22.26 2.71 -4.24
C LYS A 86 -21.95 3.99 -5.00
N PHE A 87 -21.09 3.87 -5.99
CA PHE A 87 -20.71 4.97 -6.90
C PHE A 87 -21.34 4.68 -8.27
N TRP A 88 -21.96 5.72 -8.80
CA TRP A 88 -22.19 5.90 -10.25
C TRP A 88 -21.05 6.77 -10.77
N ALA A 89 -20.05 6.12 -11.34
CA ALA A 89 -18.83 6.79 -11.83
C ALA A 89 -19.14 7.46 -13.16
N ASP A 90 -18.57 8.65 -13.32
CA ASP A 90 -18.64 9.46 -14.54
C ASP A 90 -17.41 9.11 -15.37
N LEU A 91 -17.59 8.38 -16.47
CA LEU A 91 -16.47 7.93 -17.32
C LEU A 91 -16.47 8.70 -18.64
N ASN A 92 -17.00 9.93 -18.69
CA ASN A 92 -16.98 10.73 -19.94
C ASN A 92 -16.10 11.96 -19.74
N TRP A 93 -14.88 11.92 -20.29
CA TRP A 93 -13.90 13.02 -20.19
C TRP A 93 -13.04 13.10 -21.45
N SER A 108 -4.31 10.67 -24.37
CA SER A 108 -4.49 11.66 -23.28
C SER A 108 -3.68 11.20 -22.04
N GLY A 109 -2.49 11.78 -21.86
CA GLY A 109 -1.57 11.49 -20.74
C GLY A 109 -1.62 12.62 -19.72
N GLY A 110 -2.77 12.76 -19.05
CA GLY A 110 -3.02 13.75 -18.00
C GLY A 110 -2.77 13.15 -16.63
N PHE A 111 -3.04 13.88 -15.55
CA PHE A 111 -2.74 13.41 -14.17
C PHE A 111 -4.00 12.82 -13.56
N TYR A 112 -3.90 11.54 -13.21
CA TYR A 112 -4.90 10.71 -12.52
C TYR A 112 -4.58 10.71 -11.01
N GLY A 113 -5.54 11.16 -10.21
CA GLY A 113 -5.30 11.39 -8.79
C GLY A 113 -6.46 11.01 -7.91
N VAL A 114 -6.14 10.81 -6.63
CA VAL A 114 -7.09 10.47 -5.54
C VAL A 114 -6.76 11.38 -4.36
N SER A 115 -7.76 12.10 -3.86
CA SER A 115 -7.59 12.99 -2.68
C SER A 115 -8.60 12.59 -1.62
N SER A 116 -8.12 12.45 -0.38
CA SER A 116 -8.93 12.05 0.80
C SER A 116 -8.65 13.03 1.95
N GLN A 117 -9.68 13.39 2.67
CA GLN A 117 -9.47 14.18 3.88
C GLN A 117 -10.37 13.64 4.98
N TYR A 118 -9.81 13.45 6.15
CA TYR A 118 -10.48 12.99 7.38
C TYR A 118 -10.25 14.00 8.53
N GLU A 119 -11.08 13.91 9.55
CA GLU A 119 -11.06 14.79 10.75
C GLU A 119 -11.31 13.89 11.95
N SER A 120 -10.61 14.15 13.06
CA SER A 120 -10.92 13.54 14.38
C SER A 120 -10.77 14.59 15.49
N LEU A 121 -11.28 14.26 16.68
CA LEU A 121 -11.06 15.07 17.90
C LEU A 121 -9.73 14.65 18.53
N GLU A 122 -9.19 13.46 18.22
CA GLU A 122 -7.91 13.03 18.81
C GLU A 122 -6.79 12.99 17.76
N HIS A 123 -5.56 13.09 18.26
CA HIS A 123 -4.30 13.07 17.49
C HIS A 123 -3.88 11.62 17.30
N MET A 124 -3.85 11.17 16.04
CA MET A 124 -3.46 9.79 15.66
C MET A 124 -2.54 9.88 14.44
N THR A 125 -1.86 8.78 14.15
CA THR A 125 -1.27 8.50 12.83
C THR A 125 -2.21 7.48 12.19
N LEU A 126 -2.73 7.80 11.01
CA LEU A 126 -3.62 6.90 10.21
C LEU A 126 -2.76 6.06 9.28
N THR A 127 -3.05 4.78 9.19
CA THR A 127 -2.70 3.95 8.01
C THR A 127 -3.97 3.78 7.18
N CYS A 128 -3.92 4.20 5.91
CA CYS A 128 -5.00 4.01 4.93
CA CYS A 128 -5.02 3.97 4.94
C CYS A 128 -4.56 2.96 3.90
N SER A 129 -5.21 1.79 3.90
CA SER A 129 -5.05 0.71 2.90
C SER A 129 -6.23 0.72 1.92
N SER A 130 -5.96 0.79 0.61
CA SER A 130 -6.98 0.65 -0.47
C SER A 130 -6.66 -0.57 -1.31
N LYS A 131 -7.50 -1.61 -1.21
CA LYS A 131 -7.40 -2.88 -1.96
C LYS A 131 -8.35 -2.84 -3.16
N VAL A 132 -7.81 -2.75 -4.37
CA VAL A 132 -8.53 -2.94 -5.66
C VAL A 132 -8.68 -4.43 -5.89
N CYS A 133 -9.93 -4.86 -6.09
CA CYS A 133 -10.34 -6.29 -6.18
C CYS A 133 -11.06 -6.55 -7.50
N SER A 134 -10.74 -7.68 -8.12
CA SER A 134 -11.36 -8.18 -9.37
C SER A 134 -11.93 -9.55 -9.08
N PHE A 135 -13.25 -9.73 -9.21
CA PHE A 135 -13.98 -10.97 -8.87
C PHE A 135 -13.69 -11.33 -7.41
N GLY A 136 -13.62 -10.31 -6.55
CA GLY A 136 -13.40 -10.48 -5.10
C GLY A 136 -11.98 -10.84 -4.73
N LYS A 137 -11.04 -10.73 -5.66
CA LYS A 137 -9.61 -11.05 -5.43
C LYS A 137 -8.78 -9.77 -5.50
N GLN A 138 -7.97 -9.57 -4.48
CA GLN A 138 -6.99 -8.47 -4.41
C GLN A 138 -6.15 -8.51 -5.69
N VAL A 139 -5.98 -7.36 -6.35
CA VAL A 139 -5.14 -7.22 -7.56
C VAL A 139 -4.05 -6.20 -7.28
N VAL A 140 -4.41 -5.03 -6.75
CA VAL A 140 -3.43 -4.01 -6.30
C VAL A 140 -3.86 -3.50 -4.92
N GLU A 141 -2.91 -2.91 -4.21
CA GLU A 141 -3.12 -2.37 -2.85
C GLU A 141 -2.17 -1.21 -2.68
N LYS A 142 -2.67 -0.11 -2.12
CA LYS A 142 -1.80 1.01 -1.75
C LYS A 142 -2.01 1.29 -0.26
N VAL A 143 -0.89 1.41 0.47
CA VAL A 143 -0.90 1.70 1.91
C VAL A 143 -0.13 3.00 2.14
N GLU A 144 -0.79 4.00 2.72
CA GLU A 144 -0.27 5.35 3.02
C GLU A 144 -0.48 5.61 4.51
N THR A 145 0.44 6.32 5.15
CA THR A 145 0.28 6.79 6.55
C THR A 145 0.22 8.31 6.52
N GLU A 146 -0.51 8.90 7.47
CA GLU A 146 -0.67 10.36 7.56
C GLU A 146 -0.79 10.73 9.04
N ARG A 147 0.14 11.55 9.51
CA ARG A 147 0.20 12.12 10.88
C ARG A 147 -0.84 13.24 10.94
N ALA A 148 -1.56 13.36 12.06
CA ALA A 148 -2.53 14.43 12.35
C ALA A 148 -1.86 15.81 12.23
N GLN A 149 -2.56 16.80 11.66
CA GLN A 149 -2.19 18.24 11.73
C GLN A 149 -3.29 18.99 12.47
N LEU A 150 -2.95 19.52 13.66
CA LEU A 150 -3.88 20.21 14.60
C LEU A 150 -4.27 21.56 14.01
N GLU A 151 -5.57 21.79 13.82
CA GLU A 151 -6.13 23.02 13.21
C GLU A 151 -7.50 23.31 13.81
N ASP A 152 -7.64 24.31 14.68
CA ASP A 152 -8.95 24.81 15.17
C ASP A 152 -9.53 23.75 16.11
N GLY A 153 -8.74 23.27 17.08
CA GLY A 153 -9.18 22.26 18.06
C GLY A 153 -9.19 20.84 17.50
N ARG A 154 -9.59 20.67 16.23
CA ARG A 154 -9.76 19.36 15.53
C ARG A 154 -8.46 18.99 14.79
N PHE A 155 -8.15 17.71 14.69
CA PHE A 155 -7.04 17.19 13.87
C PHE A 155 -7.54 16.86 12.46
N VAL A 156 -6.69 17.13 11.47
CA VAL A 156 -7.01 16.89 10.04
C VAL A 156 -5.92 15.99 9.46
N TYR A 157 -6.38 15.08 8.61
CA TYR A 157 -5.55 14.11 7.89
C TYR A 157 -5.76 14.35 6.40
N ARG A 158 -4.70 14.76 5.71
CA ARG A 158 -4.75 15.15 4.27
C ARG A 158 -3.91 14.16 3.49
N LEU A 159 -4.55 13.39 2.62
CA LEU A 159 -3.87 12.50 1.65
C LEU A 159 -4.29 12.99 0.27
N LEU A 160 -3.78 14.15 -0.13
CA LEU A 160 -4.30 14.88 -1.32
C LEU A 160 -3.45 14.52 -2.53
N ARG A 161 -4.09 14.42 -3.70
CA ARG A 161 -3.42 14.29 -5.02
C ARG A 161 -2.46 13.11 -5.06
N SER A 162 -2.76 12.03 -4.35
CA SER A 162 -2.11 10.71 -4.52
C SER A 162 -2.24 10.34 -5.98
N PRO A 163 -1.14 10.06 -6.69
CA PRO A 163 -1.19 9.51 -8.05
C PRO A 163 -2.00 8.20 -8.08
N MET A 164 -3.00 8.14 -8.95
CA MET A 164 -3.77 6.88 -9.14
C MET A 164 -2.78 5.78 -9.56
N CYS A 165 -2.86 4.59 -8.99
CA CYS A 165 -2.04 3.43 -9.41
C CYS A 165 -2.36 3.09 -10.87
N GLU A 166 -1.35 2.62 -11.58
CA GLU A 166 -1.33 2.41 -13.04
C GLU A 166 -2.44 1.41 -13.41
N TYR A 167 -2.75 0.45 -12.54
CA TYR A 167 -3.82 -0.54 -12.76
C TYR A 167 -5.17 0.18 -12.97
N LEU A 168 -5.51 1.13 -12.08
CA LEU A 168 -6.76 1.91 -12.13
C LEU A 168 -6.77 2.80 -13.36
N VAL A 169 -5.64 3.46 -13.65
CA VAL A 169 -5.61 4.39 -14.82
C VAL A 169 -5.88 3.54 -16.08
N ASN A 170 -5.26 2.36 -16.22
CA ASN A 170 -5.41 1.50 -17.41
C ASN A 170 -6.82 0.92 -17.43
N PHE A 171 -7.34 0.50 -16.26
CA PHE A 171 -8.74 0.01 -16.15
C PHE A 171 -9.69 1.09 -16.68
N LEU A 172 -9.51 2.34 -16.25
CA LEU A 172 -10.42 3.44 -16.65
C LEU A 172 -10.29 3.66 -18.15
N HIS A 173 -9.09 3.60 -18.70
CA HIS A 173 -8.90 3.88 -20.14
CA HIS A 173 -8.87 3.87 -20.15
C HIS A 173 -9.64 2.80 -20.94
N LYS A 174 -9.49 1.55 -20.56
CA LYS A 174 -10.20 0.42 -21.23
C LYS A 174 -11.71 0.54 -20.98
N LEU A 175 -12.12 0.64 -19.72
CA LEU A 175 -13.56 0.74 -19.39
C LEU A 175 -14.24 1.82 -20.25
N ARG A 176 -13.65 3.00 -20.40
CA ARG A 176 -14.33 4.12 -21.11
C ARG A 176 -14.54 3.80 -22.59
N GLN A 177 -13.81 2.85 -23.17
CA GLN A 177 -13.88 2.59 -24.63
C GLN A 177 -14.91 1.49 -24.94
N LEU A 178 -15.52 0.85 -23.95
CA LEU A 178 -16.51 -0.24 -24.19
C LEU A 178 -17.70 0.33 -24.96
N PRO A 179 -18.28 -0.43 -25.91
CA PRO A 179 -19.30 0.10 -26.81
C PRO A 179 -20.67 0.34 -26.14
N GLU A 180 -20.95 -0.25 -24.98
CA GLU A 180 -22.30 -0.19 -24.37
C GLU A 180 -22.15 -0.01 -22.87
N ARG A 181 -22.96 0.84 -22.27
CA ARG A 181 -22.87 1.11 -20.82
C ARG A 181 -23.35 -0.12 -20.04
N TYR A 182 -24.18 -1.00 -20.62
CA TYR A 182 -24.58 -2.23 -19.89
C TYR A 182 -23.33 -3.12 -19.72
N MET A 183 -22.41 -3.12 -20.70
CA MET A 183 -21.14 -3.90 -20.64
C MET A 183 -20.19 -3.27 -19.59
N MET A 184 -20.12 -1.94 -19.53
CA MET A 184 -19.40 -1.22 -18.43
C MET A 184 -19.95 -1.71 -17.10
N ASN A 185 -21.27 -1.79 -16.99
CA ASN A 185 -21.90 -2.22 -15.71
C ASN A 185 -21.62 -3.70 -15.47
N SER A 186 -21.51 -4.52 -16.51
CA SER A 186 -21.17 -5.95 -16.33
C SER A 186 -19.72 -6.06 -15.85
N VAL A 187 -18.82 -5.30 -16.47
CA VAL A 187 -17.39 -5.29 -16.05
C VAL A 187 -17.30 -4.73 -14.62
N LEU A 188 -17.98 -3.61 -14.32
CA LEU A 188 -17.88 -2.97 -12.97
C LEU A 188 -18.49 -3.88 -11.92
N GLU A 189 -19.41 -4.76 -12.30
CA GLU A 189 -20.10 -5.69 -11.37
C GLU A 189 -19.05 -6.49 -10.59
N ASN A 190 -17.91 -6.76 -11.22
CA ASN A 190 -16.84 -7.62 -10.66
C ASN A 190 -15.66 -6.76 -10.16
N PHE A 191 -15.84 -5.45 -10.05
CA PHE A 191 -14.75 -4.53 -9.66
C PHE A 191 -15.15 -3.83 -8.37
N THR A 192 -14.34 -4.00 -7.34
CA THR A 192 -14.59 -3.43 -6.01
C THR A 192 -13.31 -2.85 -5.41
N ILE A 193 -13.50 -2.00 -4.39
CA ILE A 193 -12.39 -1.39 -3.62
C ILE A 193 -12.75 -1.49 -2.14
N LEU A 194 -11.81 -1.99 -1.36
CA LEU A 194 -11.96 -2.06 0.11
C LEU A 194 -10.92 -1.11 0.74
N GLN A 195 -11.40 -0.17 1.54
CA GLN A 195 -10.58 0.83 2.25
C GLN A 195 -10.65 0.50 3.74
N VAL A 196 -9.49 0.33 4.38
CA VAL A 196 -9.35 0.12 5.84
C VAL A 196 -8.45 1.24 6.36
N VAL A 197 -9.00 2.07 7.25
CA VAL A 197 -8.27 3.13 7.97
C VAL A 197 -8.12 2.65 9.40
N THR A 198 -6.88 2.53 9.87
CA THR A 198 -6.61 2.09 11.26
C THR A 198 -5.71 3.13 11.93
N ASN A 199 -5.78 3.17 13.26
CA ASN A 199 -4.78 3.87 14.11
C ASN A 199 -3.47 3.10 13.95
N ARG A 200 -2.45 3.69 13.31
CA ARG A 200 -1.17 2.98 13.05
C ARG A 200 -0.53 2.52 14.38
N ASP A 201 -0.64 3.31 15.44
CA ASP A 201 0.01 3.00 16.75
C ASP A 201 -0.73 1.84 17.46
N THR A 202 -2.05 1.80 17.40
CA THR A 202 -2.87 0.86 18.21
C THR A 202 -3.45 -0.27 17.35
N GLN A 203 -3.35 -0.19 16.03
CA GLN A 203 -3.93 -1.17 15.07
C GLN A 203 -5.46 -1.23 15.18
N GLU A 204 -6.10 -0.33 15.93
CA GLU A 204 -7.58 -0.35 16.01
C GLU A 204 -8.12 0.20 14.70
N LEU A 205 -9.16 -0.47 14.18
CA LEU A 205 -9.87 -0.03 12.95
C LEU A 205 -10.69 1.23 13.27
N LEU A 206 -10.55 2.26 12.43
CA LEU A 206 -11.32 3.52 12.56
C LEU A 206 -12.45 3.53 11.53
N LEU A 207 -12.18 3.10 10.30
CA LEU A 207 -13.17 3.23 9.21
C LEU A 207 -12.88 2.15 8.18
N CYS A 208 -13.88 1.35 7.84
CA CYS A 208 -13.80 0.37 6.75
C CYS A 208 -14.91 0.67 5.76
N THR A 209 -14.55 0.98 4.52
CA THR A 209 -15.51 1.33 3.48
C THR A 209 -15.36 0.34 2.32
N ALA A 210 -16.44 -0.34 1.96
CA ALA A 210 -16.55 -1.17 0.73
C ALA A 210 -17.15 -0.30 -0.37
N TYR A 211 -16.49 -0.26 -1.51
CA TYR A 211 -16.95 0.51 -2.69
C TYR A 211 -17.39 -0.48 -3.78
N VAL A 212 -18.63 -0.32 -4.26
CA VAL A 212 -19.19 -1.02 -5.45
C VAL A 212 -19.57 0.04 -6.47
N PHE A 213 -19.61 -0.31 -7.75
CA PHE A 213 -19.57 0.68 -8.84
C PHE A 213 -20.58 0.37 -9.96
N GLU A 214 -21.12 1.45 -10.54
CA GLU A 214 -21.81 1.43 -11.85
C GLU A 214 -21.33 2.65 -12.63
N VAL A 215 -21.67 2.74 -13.90
CA VAL A 215 -21.46 4.00 -14.66
C VAL A 215 -22.70 4.86 -14.48
N SER A 216 -22.47 6.16 -14.48
CA SER A 216 -23.49 7.15 -14.59
C SER A 216 -23.68 7.41 -16.07
N THR A 217 -24.43 8.43 -16.43
CA THR A 217 -24.73 8.67 -17.83
C THR A 217 -24.18 9.96 -18.45
N SER A 218 -23.23 10.62 -17.80
CA SER A 218 -22.59 11.83 -18.37
C SER A 218 -23.36 13.14 -18.25
N GLU A 219 -24.64 13.12 -18.59
CA GLU A 219 -25.49 14.24 -18.29
C GLU A 219 -25.56 14.24 -16.80
N ARG A 220 -25.71 13.06 -16.22
CA ARG A 220 -25.54 12.91 -14.81
C ARG A 220 -24.06 12.72 -14.57
N GLY A 221 -23.54 13.43 -13.60
CA GLY A 221 -22.15 13.31 -13.26
C GLY A 221 -22.01 12.19 -12.29
N ALA A 222 -20.97 12.25 -11.49
CA ALA A 222 -20.70 11.24 -10.45
C ALA A 222 -21.80 11.34 -9.38
N GLN A 223 -22.34 10.22 -8.93
CA GLN A 223 -23.26 10.20 -7.78
C GLN A 223 -22.83 9.06 -6.85
N HIS A 224 -23.40 9.03 -5.66
CA HIS A 224 -23.09 7.99 -4.68
C HIS A 224 -24.26 7.85 -3.74
N HIS A 225 -24.30 6.71 -3.06
CA HIS A 225 -25.22 6.38 -1.96
C HIS A 225 -24.39 5.65 -0.89
N ILE A 226 -24.47 6.11 0.36
CA ILE A 226 -23.71 5.56 1.52
C ILE A 226 -24.67 4.71 2.35
N TYR A 227 -24.25 3.50 2.73
CA TYR A 227 -24.99 2.60 3.67
C TYR A 227 -24.09 2.24 4.86
N ARG A 228 -24.69 2.08 6.03
CA ARG A 228 -24.12 1.29 7.15
C ARG A 228 -24.11 -0.20 6.76
N LEU A 229 -22.98 -0.89 6.98
CA LEU A 229 -22.90 -2.37 6.90
C LEU A 229 -23.22 -2.93 8.28
N VAL A 230 -24.24 -3.78 8.35
CA VAL A 230 -24.77 -4.35 9.63
C VAL A 230 -24.73 -5.87 9.56
N ARG A 231 -25.04 -6.51 10.69
CA ARG A 231 -25.05 -7.99 10.84
C ARG A 231 -25.85 -8.35 12.11
N GLY B 7 28.05 -2.62 4.87
CA GLY B 7 27.78 -3.26 3.54
C GLY B 7 26.68 -2.54 2.77
N LEU B 8 25.42 -2.71 3.19
CA LEU B 8 24.25 -2.12 2.49
C LEU B 8 24.02 -0.68 3.01
N GLY B 9 24.50 0.33 2.27
CA GLY B 9 24.71 1.67 2.84
C GLY B 9 25.29 2.67 1.85
N THR B 10 25.09 3.94 2.13
CA THR B 10 25.92 5.06 1.62
C THR B 10 26.54 5.78 2.83
N ALA B 11 27.38 6.78 2.57
CA ALA B 11 27.90 7.74 3.57
C ALA B 11 26.72 8.42 4.28
N ARG B 12 25.59 8.57 3.58
CA ARG B 12 24.40 9.35 4.04
C ARG B 12 23.43 8.47 4.83
N LEU B 13 23.26 7.20 4.47
CA LEU B 13 22.29 6.30 5.15
C LEU B 13 22.75 4.83 5.10
N GLN B 14 22.76 4.18 6.24
CA GLN B 14 23.19 2.77 6.36
C GLN B 14 22.06 1.96 6.99
N LEU B 15 21.79 0.78 6.46
CA LEU B 15 20.90 -0.19 7.15
C LEU B 15 21.67 -0.80 8.32
N VAL B 16 21.07 -0.91 9.49
CA VAL B 16 21.72 -1.46 10.72
C VAL B 16 21.16 -2.85 11.06
N GLU B 17 19.84 -3.02 10.93
CA GLU B 17 19.16 -4.31 11.08
C GLU B 17 17.90 -4.35 10.22
N PHE B 18 17.63 -5.52 9.63
CA PHE B 18 16.33 -5.80 8.99
C PHE B 18 15.90 -7.21 9.35
N SER B 19 14.64 -7.38 9.74
CA SER B 19 14.03 -8.71 9.97
C SER B 19 12.55 -8.69 9.55
N ALA B 20 12.10 -9.83 9.02
CA ALA B 20 10.67 -10.16 8.91
C ALA B 20 10.51 -11.45 9.68
N PHE B 21 9.50 -11.50 10.53
CA PHE B 21 9.43 -12.52 11.59
C PHE B 21 7.97 -12.79 11.91
N VAL B 22 7.75 -13.89 12.61
CA VAL B 22 6.42 -14.17 13.20
C VAL B 22 6.63 -14.47 14.68
N GLU B 23 5.77 -13.88 15.50
CA GLU B 23 5.79 -14.04 16.97
C GLU B 23 4.64 -14.96 17.34
N PRO B 24 4.87 -16.06 18.08
CA PRO B 24 3.76 -16.80 18.71
C PRO B 24 3.04 -15.79 19.60
N PRO B 25 1.71 -15.54 19.42
CA PRO B 25 1.03 -14.40 20.05
C PRO B 25 0.41 -14.67 21.43
N HIS B 34 10.20 -16.29 15.25
CA HIS B 34 10.83 -16.93 14.07
C HIS B 34 11.12 -15.87 13.00
N LEU B 35 12.33 -15.87 12.49
CA LEU B 35 12.81 -14.90 11.47
C LEU B 35 12.76 -15.56 10.10
N PHE B 36 11.97 -15.00 9.20
CA PHE B 36 11.88 -15.48 7.80
C PHE B 36 13.17 -15.09 7.11
N VAL B 37 13.55 -13.83 7.29
CA VAL B 37 14.82 -13.25 6.76
C VAL B 37 15.38 -12.27 7.79
N HIS B 38 16.70 -12.09 7.78
CA HIS B 38 17.42 -11.31 8.81
C HIS B 38 18.71 -10.76 8.22
N ILE B 39 18.90 -9.44 8.31
CA ILE B 39 20.21 -8.78 8.06
C ILE B 39 20.59 -8.08 9.37
N SER B 40 21.70 -8.49 9.99
CA SER B 40 22.35 -7.77 11.11
C SER B 40 23.62 -7.11 10.60
N GLN B 41 23.75 -5.82 10.84
CA GLN B 41 24.97 -5.06 10.49
C GLN B 41 25.37 -4.30 11.75
N CYS B 43 25.26 -4.98 12.90
CA CYS B 43 25.53 -4.38 14.23
C CYS B 43 27.01 -4.59 14.58
N PRO B 44 27.52 -5.84 14.73
CA PRO B 44 28.97 -6.06 14.90
C PRO B 44 29.68 -6.20 13.55
N SER B 45 29.77 -7.43 13.01
CA SER B 45 30.26 -7.86 11.66
C SER B 45 31.09 -6.80 10.91
N PRO B 46 32.30 -7.13 10.33
CA PRO B 46 33.10 -6.15 9.60
C PRO B 46 33.09 -6.31 8.07
N PRO B 50 34.36 -6.74 0.86
CA PRO B 50 33.88 -5.87 -0.23
C PRO B 50 32.74 -6.52 -1.04
N LEU B 51 31.56 -5.88 -1.14
CA LEU B 51 30.36 -6.45 -1.82
C LEU B 51 30.67 -6.68 -3.31
N GLU B 52 30.13 -7.77 -3.87
CA GLU B 52 30.14 -8.10 -5.33
C GLU B 52 29.11 -7.23 -6.05
N SER B 53 29.21 -7.14 -7.37
CA SER B 53 28.31 -6.33 -8.21
C SER B 53 27.41 -7.25 -9.04
N VAL B 54 26.28 -6.72 -9.50
CA VAL B 54 25.29 -7.37 -10.41
C VAL B 54 24.81 -6.30 -11.38
N ASP B 55 24.73 -6.61 -12.67
CA ASP B 55 24.24 -5.62 -13.66
C ASP B 55 22.73 -5.51 -13.46
N VAL B 56 22.27 -4.31 -13.05
CA VAL B 56 20.84 -3.99 -12.82
C VAL B 56 20.03 -4.31 -14.08
N ARG B 57 20.61 -4.20 -15.27
CA ARG B 57 19.88 -4.45 -16.54
C ARG B 57 19.25 -5.85 -16.46
N GLN B 58 19.90 -6.78 -15.76
CA GLN B 58 19.46 -8.21 -15.78
C GLN B 58 18.49 -8.50 -14.63
N ILE B 59 17.82 -7.48 -14.07
CA ILE B 59 16.67 -7.66 -13.13
C ILE B 59 15.60 -6.57 -13.38
N TYR B 60 15.60 -5.91 -14.54
CA TYR B 60 14.57 -4.89 -14.89
C TYR B 60 13.19 -5.55 -14.94
N ASP B 61 13.11 -6.74 -15.54
CA ASP B 61 11.86 -7.51 -15.79
C ASP B 61 11.26 -8.07 -14.48
N LYS B 62 11.90 -7.84 -13.32
CA LYS B 62 11.41 -8.33 -12.01
C LYS B 62 10.62 -7.22 -11.30
N PHE B 63 10.49 -6.02 -11.90
CA PHE B 63 9.81 -4.85 -11.27
C PHE B 63 9.07 -4.07 -12.35
N PRO B 64 8.07 -3.23 -11.97
CA PRO B 64 7.34 -2.47 -12.98
C PRO B 64 8.34 -1.71 -13.84
N GLU B 65 8.10 -1.66 -15.15
CA GLU B 65 9.03 -1.10 -16.18
C GLU B 65 8.65 0.36 -16.46
N LYS B 66 7.34 0.63 -16.58
CA LYS B 66 6.76 1.95 -16.99
C LYS B 66 7.43 3.06 -16.16
N LYS B 67 6.92 3.34 -14.96
CA LYS B 67 7.48 4.37 -14.04
C LYS B 67 7.50 3.83 -12.62
N GLY B 68 8.30 4.44 -11.75
CA GLY B 68 8.72 3.88 -10.44
C GLY B 68 9.45 2.56 -10.64
N GLY B 69 9.89 2.30 -11.88
CA GLY B 69 10.61 1.08 -12.27
C GLY B 69 12.09 1.26 -12.01
N LEU B 70 12.83 0.15 -11.92
CA LEU B 70 14.30 0.16 -11.68
C LEU B 70 14.99 0.99 -12.76
N ARG B 71 14.68 0.73 -14.04
CA ARG B 71 15.21 1.48 -15.21
C ARG B 71 15.19 2.98 -14.88
N GLU B 72 14.00 3.50 -14.58
CA GLU B 72 13.75 4.93 -14.25
C GLU B 72 14.63 5.35 -13.06
N LEU B 73 14.36 4.79 -11.89
CA LEU B 73 15.05 5.14 -10.62
C LEU B 73 16.56 5.23 -10.86
N TYR B 74 17.13 4.25 -11.56
CA TYR B 74 18.60 4.05 -11.69
C TYR B 74 19.19 5.16 -12.55
N ASP B 75 18.48 5.55 -13.63
CA ASP B 75 18.82 6.70 -14.51
C ASP B 75 18.92 7.97 -13.66
N ARG B 76 17.87 8.30 -12.91
CA ARG B 76 17.78 9.47 -12.01
C ARG B 76 18.95 9.47 -11.02
N GLY B 77 19.54 8.31 -10.73
CA GLY B 77 20.69 8.15 -9.82
C GLY B 77 20.31 8.47 -8.38
N PRO B 78 21.26 8.48 -7.42
CA PRO B 78 22.65 8.14 -7.70
C PRO B 78 22.92 6.64 -7.73
N PRO B 79 23.66 6.13 -8.76
CA PRO B 79 23.95 4.71 -8.90
C PRO B 79 24.49 3.99 -7.66
N HIS B 80 25.32 4.64 -6.84
CA HIS B 80 25.98 4.03 -5.64
C HIS B 80 24.94 3.71 -4.55
N ALA B 81 23.69 4.19 -4.69
CA ALA B 81 22.62 4.00 -3.70
C ALA B 81 21.84 2.68 -3.92
N PHE B 82 22.13 1.92 -4.98
CA PHE B 82 21.31 0.77 -5.45
C PHE B 82 21.94 -0.58 -5.05
N PHE B 83 21.14 -1.41 -4.39
CA PHE B 83 21.56 -2.72 -3.84
C PHE B 83 20.57 -3.82 -4.26
N LEU B 84 21.10 -5.03 -4.49
CA LEU B 84 20.33 -6.28 -4.62
C LEU B 84 20.62 -7.12 -3.38
N VAL B 85 19.57 -7.60 -2.72
CA VAL B 85 19.67 -8.59 -1.61
C VAL B 85 18.99 -9.88 -2.08
N LYS B 86 19.74 -10.98 -2.12
CA LYS B 86 19.11 -12.30 -2.33
C LYS B 86 18.94 -12.92 -0.95
N PHE B 87 17.71 -13.31 -0.61
CA PHE B 87 17.38 -13.99 0.66
C PHE B 87 17.10 -15.48 0.39
N TRP B 88 17.64 -16.37 1.23
CA TRP B 88 17.18 -17.76 1.40
C TRP B 88 16.35 -17.80 2.68
N ALA B 89 15.04 -17.64 2.54
CA ALA B 89 14.08 -17.49 3.65
C ALA B 89 13.90 -18.82 4.37
N ASP B 90 13.51 -18.73 5.63
CA ASP B 90 13.26 -19.87 6.50
C ASP B 90 11.75 -19.93 6.73
N LEU B 91 11.06 -20.83 6.03
CA LEU B 91 9.58 -20.91 6.10
C LEU B 91 9.14 -22.09 6.99
N ASN B 92 10.00 -22.57 7.89
CA ASN B 92 9.73 -23.73 8.79
C ASN B 92 9.59 -23.23 10.24
N TRP B 93 8.36 -23.06 10.74
CA TRP B 93 8.13 -22.47 12.09
C TRP B 93 6.92 -23.07 12.81
N SER B 108 -2.86 -20.92 11.34
CA SER B 108 -2.88 -19.45 11.19
C SER B 108 -2.66 -18.74 12.52
N GLY B 109 -3.05 -17.47 12.62
CA GLY B 109 -2.88 -16.64 13.83
C GLY B 109 -1.42 -16.31 14.08
N GLY B 110 -1.14 -15.45 15.07
CA GLY B 110 0.22 -15.00 15.41
C GLY B 110 0.45 -13.56 14.99
N PHE B 111 1.59 -12.99 15.36
CA PHE B 111 1.92 -11.61 14.94
C PHE B 111 3.01 -11.63 13.87
N TYR B 112 2.68 -11.06 12.71
CA TYR B 112 3.61 -11.00 11.55
C TYR B 112 4.12 -9.56 11.45
N GLY B 113 5.43 -9.42 11.61
CA GLY B 113 6.05 -8.10 11.66
C GLY B 113 7.26 -7.98 10.76
N VAL B 114 7.54 -6.74 10.38
CA VAL B 114 8.81 -6.29 9.77
C VAL B 114 9.48 -5.29 10.74
N SER B 115 10.78 -5.45 10.98
CA SER B 115 11.60 -4.45 11.71
C SER B 115 12.73 -3.95 10.81
N SER B 116 12.80 -2.62 10.64
CA SER B 116 13.90 -1.89 9.94
C SER B 116 14.53 -0.88 10.90
N GLN B 117 15.87 -0.79 10.88
CA GLN B 117 16.61 0.24 11.64
C GLN B 117 17.69 0.80 10.74
N TYR B 118 17.67 2.10 10.52
CA TYR B 118 18.66 2.81 9.70
C TYR B 118 19.46 3.75 10.59
N GLU B 119 20.53 4.32 10.02
CA GLU B 119 21.47 5.26 10.66
C GLU B 119 21.97 6.28 9.65
N SER B 120 22.20 7.51 10.12
CA SER B 120 22.95 8.56 9.39
C SER B 120 23.63 9.54 10.37
N LEU B 121 24.58 10.31 9.85
CA LEU B 121 25.23 11.43 10.59
C LEU B 121 24.39 12.72 10.46
N GLU B 122 23.53 12.84 9.45
CA GLU B 122 22.74 14.07 9.26
C GLU B 122 21.29 13.76 9.66
N HIS B 123 20.63 14.76 10.24
CA HIS B 123 19.21 14.71 10.67
C HIS B 123 18.34 14.77 9.43
N MET B 124 17.51 13.76 9.22
CA MET B 124 16.59 13.69 8.07
C MET B 124 15.23 13.16 8.54
N THR B 125 14.21 13.37 7.71
CA THR B 125 12.97 12.57 7.69
C THR B 125 13.00 11.66 6.46
N LEU B 126 12.75 10.37 6.67
CA LEU B 126 12.79 9.33 5.60
C LEU B 126 11.38 9.00 5.12
N THR B 127 11.19 8.98 3.80
CA THR B 127 10.06 8.35 3.08
C THR B 127 10.53 6.95 2.67
N CYS B 128 9.90 5.90 3.20
CA CYS B 128 10.26 4.48 2.94
C CYS B 128 9.15 3.88 2.08
N SER B 129 9.42 3.64 0.81
CA SER B 129 8.49 2.95 -0.11
C SER B 129 8.90 1.47 -0.27
N SER B 130 7.98 0.56 -0.01
CA SER B 130 8.10 -0.89 -0.27
C SER B 130 7.08 -1.26 -1.33
N LYS B 131 7.52 -1.77 -2.46
CA LYS B 131 6.64 -2.30 -3.52
C LYS B 131 6.81 -3.82 -3.60
N VAL B 132 5.77 -4.57 -3.30
CA VAL B 132 5.73 -6.04 -3.53
C VAL B 132 5.24 -6.32 -4.95
N CYS B 133 6.03 -7.07 -5.70
CA CYS B 133 5.78 -7.37 -7.12
C CYS B 133 5.60 -8.88 -7.32
N SER B 134 4.64 -9.22 -8.17
CA SER B 134 4.32 -10.59 -8.61
C SER B 134 4.35 -10.56 -10.12
N PHE B 135 5.28 -11.29 -10.73
CA PHE B 135 5.50 -11.34 -12.20
C PHE B 135 5.79 -9.93 -12.71
N GLY B 136 6.58 -9.16 -11.96
CA GLY B 136 7.03 -7.81 -12.33
C GLY B 136 5.97 -6.73 -12.13
N LYS B 137 4.77 -7.11 -11.69
CA LYS B 137 3.65 -6.16 -11.50
C LYS B 137 3.51 -5.87 -10.00
N GLN B 138 3.37 -4.59 -9.67
CA GLN B 138 3.11 -4.12 -8.29
C GLN B 138 1.77 -4.69 -7.84
N VAL B 139 1.74 -5.40 -6.72
CA VAL B 139 0.50 -5.87 -6.06
C VAL B 139 0.34 -5.16 -4.72
N VAL B 140 1.44 -4.65 -4.12
CA VAL B 140 1.34 -3.83 -2.90
C VAL B 140 2.32 -2.68 -3.01
N GLU B 141 1.89 -1.47 -2.67
CA GLU B 141 2.81 -0.37 -2.29
C GLU B 141 2.50 0.08 -0.86
N LYS B 142 3.51 0.10 -0.01
CA LYS B 142 3.42 0.56 1.38
C LYS B 142 4.37 1.74 1.49
N VAL B 143 3.86 2.92 1.86
CA VAL B 143 4.66 4.17 2.03
C VAL B 143 4.59 4.57 3.51
N GLU B 144 5.76 4.76 4.12
CA GLU B 144 5.97 5.09 5.55
C GLU B 144 6.94 6.26 5.66
N THR B 145 6.83 7.00 6.75
CA THR B 145 7.70 8.14 7.11
C THR B 145 8.32 7.84 8.48
N GLU B 146 9.60 8.14 8.66
CA GLU B 146 10.28 8.00 9.97
C GLU B 146 11.26 9.16 10.14
N ARG B 147 11.12 9.87 11.26
CA ARG B 147 11.92 11.08 11.56
C ARG B 147 13.18 10.61 12.30
N ALA B 148 14.31 11.26 12.06
CA ALA B 148 15.58 10.97 12.75
C ALA B 148 15.33 11.04 14.25
N GLN B 149 15.95 10.15 15.02
CA GLN B 149 16.03 10.24 16.49
C GLN B 149 17.50 10.25 16.89
N LEU B 150 17.94 11.23 17.67
CA LEU B 150 19.36 11.32 18.07
C LEU B 150 19.68 10.27 19.14
N GLU B 151 20.77 9.53 18.94
CA GLU B 151 21.19 8.46 19.89
C GLU B 151 22.68 8.13 19.67
N ASP B 152 23.47 8.23 20.75
CA ASP B 152 24.91 7.85 20.77
C ASP B 152 25.65 8.60 19.67
N GLY B 153 25.42 9.92 19.56
CA GLY B 153 26.12 10.82 18.63
C GLY B 153 25.88 10.51 17.17
N ARG B 154 24.73 9.92 16.84
CA ARG B 154 24.25 9.75 15.43
C ARG B 154 22.73 9.65 15.40
N PHE B 155 22.14 9.74 14.21
CA PHE B 155 20.68 9.67 14.00
C PHE B 155 20.28 8.25 13.61
N VAL B 156 19.35 7.67 14.38
CA VAL B 156 18.77 6.32 14.13
C VAL B 156 17.32 6.50 13.64
N TYR B 157 16.92 5.70 12.66
CA TYR B 157 15.53 5.63 12.14
C TYR B 157 15.00 4.21 12.45
N ARG B 158 14.03 4.10 13.37
CA ARG B 158 13.45 2.81 13.82
C ARG B 158 12.04 2.66 13.23
N LEU B 159 11.86 1.68 12.34
CA LEU B 159 10.52 1.23 11.88
C LEU B 159 10.35 -0.22 12.39
N LEU B 160 10.13 -0.37 13.70
CA LEU B 160 10.07 -1.68 14.42
C LEU B 160 8.63 -2.21 14.49
N ARG B 161 8.46 -3.52 14.28
CA ARG B 161 7.18 -4.26 14.46
C ARG B 161 6.07 -3.55 13.67
N SER B 162 6.40 -3.09 12.47
CA SER B 162 5.40 -2.70 11.46
C SER B 162 4.62 -3.97 11.08
N PRO B 163 3.28 -3.99 11.26
CA PRO B 163 2.48 -5.13 10.80
C PRO B 163 2.73 -5.49 9.33
N MET B 164 3.34 -6.64 9.09
CA MET B 164 3.46 -7.20 7.72
C MET B 164 2.08 -7.15 7.06
N CYS B 165 1.94 -6.61 5.85
CA CYS B 165 0.60 -6.50 5.20
C CYS B 165 0.01 -7.90 4.96
N GLU B 166 -1.32 -7.95 4.89
CA GLU B 166 -2.14 -9.19 4.80
C GLU B 166 -1.75 -9.97 3.53
N TYR B 167 -1.34 -9.29 2.47
CA TYR B 167 -0.94 -9.97 1.21
C TYR B 167 0.22 -10.92 1.51
N LEU B 168 1.30 -10.39 2.07
CA LEU B 168 2.50 -11.17 2.42
C LEU B 168 2.13 -12.25 3.45
N VAL B 169 1.26 -11.94 4.40
CA VAL B 169 0.86 -12.89 5.46
C VAL B 169 0.19 -14.08 4.77
N ASN B 170 -0.80 -13.82 3.93
CA ASN B 170 -1.60 -14.85 3.23
C ASN B 170 -0.67 -15.65 2.30
N PHE B 171 0.22 -14.96 1.60
CA PHE B 171 1.23 -15.56 0.69
C PHE B 171 2.09 -16.57 1.47
N LEU B 172 2.60 -16.16 2.63
CA LEU B 172 3.50 -16.98 3.49
C LEU B 172 2.72 -18.19 4.02
N HIS B 173 1.43 -18.03 4.30
CA HIS B 173 0.60 -19.13 4.84
C HIS B 173 0.49 -20.24 3.78
N LYS B 174 0.34 -19.85 2.52
CA LYS B 174 0.21 -20.80 1.39
C LYS B 174 1.58 -21.36 1.05
N LEU B 175 2.60 -20.48 0.98
CA LEU B 175 3.98 -20.86 0.62
C LEU B 175 4.43 -21.98 1.55
N ARG B 176 4.13 -21.88 2.84
CA ARG B 176 4.58 -22.88 3.84
C ARG B 176 3.96 -24.27 3.59
N GLN B 177 2.77 -24.34 2.99
CA GLN B 177 2.03 -25.62 2.80
C GLN B 177 2.68 -26.46 1.71
N LEU B 178 3.49 -25.86 0.83
CA LEU B 178 4.11 -26.55 -0.32
C LEU B 178 4.99 -27.70 0.16
N PRO B 179 4.83 -28.90 -0.42
CA PRO B 179 5.51 -30.10 0.07
C PRO B 179 7.01 -30.19 -0.21
N GLU B 180 7.56 -29.35 -1.10
CA GLU B 180 8.96 -29.42 -1.54
C GLU B 180 9.56 -28.03 -1.64
N ARG B 181 10.83 -27.92 -1.29
CA ARG B 181 11.60 -26.64 -1.37
C ARG B 181 11.67 -26.20 -2.82
N TYR B 182 11.89 -27.12 -3.76
CA TYR B 182 12.02 -26.71 -5.19
C TYR B 182 10.70 -26.03 -5.62
N MET B 183 9.57 -26.43 -5.07
CA MET B 183 8.25 -25.84 -5.45
C MET B 183 8.14 -24.42 -4.86
N MET B 184 8.59 -24.24 -3.62
CA MET B 184 8.70 -22.90 -2.97
C MET B 184 9.60 -21.98 -3.80
N ASN B 185 10.72 -22.48 -4.29
CA ASN B 185 11.60 -21.64 -5.15
C ASN B 185 10.91 -21.32 -6.48
N SER B 186 10.20 -22.27 -7.07
CA SER B 186 9.50 -22.03 -8.36
C SER B 186 8.52 -20.85 -8.17
N VAL B 187 7.75 -20.89 -7.10
CA VAL B 187 6.78 -19.81 -6.77
C VAL B 187 7.55 -18.52 -6.47
N LEU B 188 8.66 -18.56 -5.73
CA LEU B 188 9.38 -17.31 -5.31
C LEU B 188 10.13 -16.68 -6.49
N GLU B 189 10.36 -17.41 -7.57
CA GLU B 189 11.00 -16.88 -8.81
C GLU B 189 10.26 -15.62 -9.29
N ASN B 190 8.95 -15.56 -9.11
CA ASN B 190 8.10 -14.45 -9.64
C ASN B 190 7.78 -13.43 -8.53
N PHE B 191 8.44 -13.48 -7.38
CA PHE B 191 8.09 -12.63 -6.24
C PHE B 191 9.29 -11.78 -5.87
N THR B 192 9.15 -10.46 -5.97
CA THR B 192 10.23 -9.51 -5.67
C THR B 192 9.71 -8.36 -4.82
N ILE B 193 10.63 -7.70 -4.09
CA ILE B 193 10.32 -6.50 -3.32
C ILE B 193 11.31 -5.41 -3.69
N LEU B 194 10.79 -4.20 -3.91
CA LEU B 194 11.62 -3.02 -4.20
C LEU B 194 11.34 -2.00 -3.14
N GLN B 195 12.41 -1.59 -2.45
CA GLN B 195 12.40 -0.64 -1.32
C GLN B 195 13.16 0.61 -1.73
N VAL B 196 12.50 1.76 -1.71
CA VAL B 196 13.04 3.10 -2.07
C VAL B 196 12.97 3.99 -0.82
N VAL B 197 14.13 4.39 -0.29
CA VAL B 197 14.25 5.31 0.87
C VAL B 197 14.77 6.64 0.30
N THR B 198 13.97 7.69 0.45
CA THR B 198 14.29 9.04 -0.02
C THR B 198 14.31 9.98 1.18
N ASN B 199 15.14 11.03 1.09
CA ASN B 199 15.05 12.21 1.97
C ASN B 199 13.68 12.85 1.70
N ARG B 200 12.77 12.82 2.66
CA ARG B 200 11.41 13.38 2.48
C ARG B 200 11.51 14.86 2.05
N ASP B 201 12.35 15.66 2.69
CA ASP B 201 12.36 17.13 2.45
C ASP B 201 12.97 17.46 1.08
N THR B 202 13.92 16.68 0.58
CA THR B 202 14.67 17.01 -0.66
C THR B 202 14.26 16.10 -1.81
N GLN B 203 13.56 15.00 -1.55
CA GLN B 203 13.07 14.08 -2.61
C GLN B 203 14.23 13.29 -3.23
N GLU B 204 15.43 13.39 -2.65
CA GLU B 204 16.63 12.72 -3.19
C GLU B 204 16.65 11.28 -2.67
N LEU B 205 16.94 10.36 -3.59
CA LEU B 205 17.03 8.91 -3.35
C LEU B 205 18.20 8.68 -2.42
N LEU B 206 18.00 8.04 -1.28
CA LEU B 206 19.12 7.69 -0.36
C LEU B 206 19.49 6.22 -0.59
N LEU B 207 18.50 5.36 -0.78
CA LEU B 207 18.72 3.89 -0.75
C LEU B 207 17.62 3.24 -1.60
N CYS B 208 18.03 2.41 -2.56
CA CYS B 208 17.09 1.57 -3.33
C CYS B 208 17.58 0.13 -3.32
N THR B 209 16.88 -0.75 -2.60
CA THR B 209 17.22 -2.18 -2.47
C THR B 209 16.17 -3.04 -3.18
N ALA B 210 16.64 -3.84 -4.12
CA ALA B 210 15.89 -4.91 -4.79
C ALA B 210 16.08 -6.20 -4.00
N TYR B 211 14.99 -6.91 -3.71
CA TYR B 211 14.98 -8.19 -2.97
C TYR B 211 14.46 -9.31 -3.87
N VAL B 212 15.23 -10.39 -3.93
CA VAL B 212 14.83 -11.66 -4.62
C VAL B 212 14.92 -12.78 -3.56
N PHE B 213 14.21 -13.88 -3.80
CA PHE B 213 13.88 -14.89 -2.75
C PHE B 213 13.97 -16.32 -3.27
N GLU B 214 14.55 -17.14 -2.41
CA GLU B 214 14.54 -18.61 -2.45
C GLU B 214 14.27 -19.03 -1.02
N VAL B 215 14.13 -20.31 -0.77
CA VAL B 215 13.98 -20.82 0.63
C VAL B 215 15.29 -21.53 0.99
N SER B 216 15.56 -21.58 2.29
CA SER B 216 16.65 -22.39 2.89
C SER B 216 16.02 -23.63 3.54
N THR B 217 16.86 -24.55 4.02
CA THR B 217 16.46 -25.65 4.91
C THR B 217 16.45 -25.09 6.34
N SER B 218 15.81 -25.75 7.30
CA SER B 218 15.84 -25.33 8.73
C SER B 218 17.28 -25.46 9.25
N GLU B 219 18.01 -26.49 8.79
CA GLU B 219 19.45 -26.72 9.06
C GLU B 219 20.21 -25.40 8.84
N ARG B 220 20.65 -25.09 7.62
CA ARG B 220 21.20 -23.74 7.26
C ARG B 220 20.01 -22.77 7.35
N GLY B 221 19.93 -21.96 8.40
CA GLY B 221 18.78 -21.05 8.57
C GLY B 221 18.75 -19.96 7.52
N ALA B 222 18.07 -18.85 7.82
CA ALA B 222 18.00 -17.68 6.90
C ALA B 222 19.41 -17.26 6.52
N GLN B 223 19.63 -17.00 5.24
CA GLN B 223 20.90 -16.49 4.69
C GLN B 223 20.56 -15.36 3.72
N HIS B 224 21.51 -14.48 3.43
CA HIS B 224 21.35 -13.35 2.46
C HIS B 224 22.70 -13.07 1.84
N HIS B 225 22.69 -12.55 0.62
CA HIS B 225 23.90 -12.03 -0.06
CA HIS B 225 23.90 -12.02 -0.05
C HIS B 225 23.56 -10.65 -0.65
N ILE B 226 24.29 -9.64 -0.23
CA ILE B 226 24.08 -8.23 -0.66
C ILE B 226 25.01 -7.97 -1.82
N TYR B 227 24.48 -7.38 -2.88
CA TYR B 227 25.23 -7.01 -4.10
C TYR B 227 25.01 -5.51 -4.36
N ARG B 228 26.00 -4.87 -4.95
CA ARG B 228 25.86 -3.52 -5.57
C ARG B 228 25.21 -3.76 -6.94
N LEU B 229 24.24 -2.93 -7.30
CA LEU B 229 23.69 -2.93 -8.67
C LEU B 229 24.49 -1.92 -9.48
N VAL B 230 25.08 -2.36 -10.60
CA VAL B 230 25.92 -1.50 -11.49
C VAL B 230 25.35 -1.54 -12.90
N ARG B 231 25.83 -0.64 -13.76
CA ARG B 231 25.42 -0.52 -15.18
C ARG B 231 26.48 0.26 -15.96
#